data_5E1W
#
_entry.id   5E1W
#
_cell.length_a   71.950
_cell.length_b   71.950
_cell.length_c   87.630
_cell.angle_alpha   90.00
_cell.angle_beta   90.00
_cell.angle_gamma   120.00
#
_symmetry.space_group_name_H-M   'P 31 2 1'
#
loop_
_entity.id
_entity.type
_entity.pdbx_description
1 polymer 'Transcriptional regulator, MarR family'
2 water water
#
_entity_poly.entity_id   1
_entity_poly.type   'polypeptide(L)'
_entity_poly.pdbx_seq_one_letter_code
;MAHHHHHHSSGLEVLFQGPNEFETLELEHLLWVNITQVKHSIERAWTRELKSLNLSTEKFAILHELMCLGGESTPHTLAR
RIVFEPHSVSAIVSRMEKDGLIIKTKDLDKKHMVRIKLSEKAIDTFYQALEISNRVYKQMMASITREEKVELSKTLTKLR
NHTLPLTHKHTKTLTPFKYI
;
_entity_poly.pdbx_strand_id   A
#
# COMPACT_ATOMS: atom_id res chain seq x y z
N LEU A 12 -33.09 28.13 24.86
CA LEU A 12 -32.92 26.61 24.69
C LEU A 12 -31.59 25.95 24.12
N GLU A 13 -31.16 26.18 22.88
CA GLU A 13 -29.74 25.84 22.49
C GLU A 13 -28.77 26.67 23.38
N VAL A 14 -27.69 26.11 23.90
CA VAL A 14 -26.68 26.76 24.78
CA VAL A 14 -26.73 26.78 24.77
C VAL A 14 -25.90 27.74 23.88
N LEU A 15 -25.49 28.87 24.44
CA LEU A 15 -24.66 29.83 23.71
C LEU A 15 -23.14 29.52 23.88
N PHE A 16 -22.39 29.87 22.83
CA PHE A 16 -20.93 29.93 22.89
C PHE A 16 -20.29 28.54 22.95
N GLN A 17 -21.01 27.52 22.48
CA GLN A 17 -20.42 26.20 22.46
C GLN A 17 -20.40 25.56 21.10
N GLY A 18 -20.61 26.34 20.07
CA GLY A 18 -20.65 25.74 18.69
C GLY A 18 -19.22 25.65 18.22
N PRO A 19 -19.04 25.01 17.00
CA PRO A 19 -17.67 24.81 16.52
CA PRO A 19 -17.68 24.83 16.51
C PRO A 19 -16.93 26.13 16.32
N ASN A 20 -15.64 26.07 16.50
CA ASN A 20 -14.79 27.22 16.26
C ASN A 20 -14.20 27.27 14.87
N GLU A 21 -13.38 28.28 14.59
CA GLU A 21 -12.92 28.50 13.23
C GLU A 21 -12.00 27.39 12.76
N PHE A 22 -11.44 26.62 13.66
CA PHE A 22 -10.49 25.55 13.26
C PHE A 22 -11.23 24.33 12.71
N GLU A 23 -12.58 24.32 12.79
CA GLU A 23 -13.36 23.23 12.16
C GLU A 23 -13.75 23.52 10.75
N THR A 24 -13.43 24.72 10.21
CA THR A 24 -13.65 24.99 8.80
C THR A 24 -12.27 25.03 8.15
N LEU A 25 -12.07 24.11 7.20
CA LEU A 25 -10.75 23.92 6.59
C LEU A 25 -10.73 24.43 5.19
N GLU A 26 -9.53 24.70 4.66
CA GLU A 26 -9.46 24.80 3.21
C GLU A 26 -9.78 23.47 2.59
N LEU A 27 -10.39 23.43 1.42
CA LEU A 27 -10.80 22.17 0.79
C LEU A 27 -9.61 21.25 0.58
N GLU A 28 -8.42 21.79 0.26
CA GLU A 28 -7.29 20.89 0.02
C GLU A 28 -6.82 20.22 1.32
N HIS A 29 -6.94 20.93 2.45
CA HIS A 29 -6.62 20.33 3.75
C HIS A 29 -7.69 19.29 4.09
N LEU A 30 -8.98 19.57 3.86
CA LEU A 30 -10.02 18.59 4.12
C LEU A 30 -9.77 17.33 3.24
N LEU A 31 -9.29 17.51 1.97
CA LEU A 31 -9.00 16.33 1.18
C LEU A 31 -7.89 15.48 1.80
N TRP A 32 -6.86 16.13 2.38
CA TRP A 32 -5.87 15.31 3.11
C TRP A 32 -6.49 14.55 4.27
N VAL A 33 -7.35 15.24 5.03
CA VAL A 33 -8.00 14.50 6.16
C VAL A 33 -8.84 13.35 5.58
N ASN A 34 -9.57 13.56 4.52
CA ASN A 34 -10.40 12.50 3.92
C ASN A 34 -9.50 11.33 3.47
N ILE A 35 -8.39 11.61 2.79
CA ILE A 35 -7.50 10.55 2.29
C ILE A 35 -6.96 9.74 3.55
N THR A 36 -6.52 10.47 4.58
CA THR A 36 -5.93 9.75 5.71
CA THR A 36 -5.97 9.84 5.77
C THR A 36 -7.00 8.91 6.42
N GLN A 37 -8.23 9.38 6.53
CA GLN A 37 -9.28 8.66 7.24
C GLN A 37 -9.67 7.42 6.43
N VAL A 38 -9.81 7.54 5.12
CA VAL A 38 -10.18 6.37 4.33
C VAL A 38 -9.02 5.34 4.37
N LYS A 39 -7.77 5.80 4.26
CA LYS A 39 -6.62 4.85 4.30
CA LYS A 39 -6.66 4.85 4.32
C LYS A 39 -6.70 4.12 5.65
N HIS A 40 -6.84 4.83 6.77
CA HIS A 40 -6.84 4.18 8.08
CA HIS A 40 -6.85 4.16 8.09
C HIS A 40 -8.03 3.24 8.18
N SER A 41 -9.22 3.65 7.80
CA SER A 41 -10.43 2.87 7.98
CA SER A 41 -10.44 2.84 7.96
CA SER A 41 -10.45 2.82 8.06
C SER A 41 -10.38 1.55 7.18
N ILE A 42 -9.95 1.67 5.91
CA ILE A 42 -9.90 0.47 5.09
C ILE A 42 -8.77 -0.41 5.67
N GLU A 43 -7.59 0.14 5.96
CA GLU A 43 -6.49 -0.74 6.39
C GLU A 43 -6.85 -1.48 7.68
N ARG A 44 -7.59 -0.83 8.58
CA ARG A 44 -7.88 -1.52 9.85
C ARG A 44 -8.76 -2.75 9.60
N ALA A 45 -9.76 -2.59 8.74
CA ALA A 45 -10.66 -3.70 8.44
C ALA A 45 -9.95 -4.78 7.61
N TRP A 46 -9.15 -4.40 6.59
CA TRP A 46 -8.46 -5.37 5.77
C TRP A 46 -7.48 -6.19 6.62
N THR A 47 -6.71 -5.52 7.47
CA THR A 47 -5.67 -6.20 8.22
C THR A 47 -6.27 -7.28 9.12
N ARG A 48 -7.45 -6.97 9.68
CA ARG A 48 -8.09 -8.01 10.55
C ARG A 48 -8.51 -9.22 9.70
N GLU A 49 -9.00 -8.98 8.46
CA GLU A 49 -9.38 -10.15 7.60
C GLU A 49 -8.22 -10.99 7.12
N LEU A 50 -7.04 -10.37 7.02
CA LEU A 50 -5.85 -11.07 6.52
C LEU A 50 -4.97 -11.64 7.67
N LYS A 51 -5.42 -11.46 8.93
CA LYS A 51 -4.55 -11.77 10.06
C LYS A 51 -4.15 -13.26 10.13
N SER A 52 -5.00 -14.19 9.62
CA SER A 52 -4.58 -15.59 9.63
C SER A 52 -3.39 -15.89 8.71
N LEU A 53 -3.07 -14.98 7.78
CA LEU A 53 -1.91 -15.09 6.91
C LEU A 53 -0.76 -14.21 7.46
N ASN A 54 -0.99 -13.50 8.58
CA ASN A 54 0.07 -12.64 9.14
CA ASN A 54 0.04 -12.63 9.15
C ASN A 54 0.60 -11.63 8.14
N LEU A 55 -0.29 -10.94 7.40
CA LEU A 55 0.16 -9.99 6.40
C LEU A 55 -0.32 -8.60 6.77
N SER A 56 0.60 -7.65 6.88
CA SER A 56 0.27 -6.25 6.85
C SER A 56 0.03 -5.81 5.37
N THR A 57 -0.55 -4.65 5.19
CA THR A 57 -0.69 -4.14 3.84
C THR A 57 0.66 -3.97 3.17
N GLU A 58 1.68 -3.55 3.90
CA GLU A 58 2.99 -3.34 3.25
C GLU A 58 3.62 -4.69 2.93
N LYS A 59 3.50 -5.75 3.75
CA LYS A 59 4.08 -7.04 3.38
C LYS A 59 3.34 -7.54 2.13
N PHE A 60 2.00 -7.39 2.12
CA PHE A 60 1.24 -7.84 0.93
C PHE A 60 1.72 -7.08 -0.29
N ALA A 61 1.95 -5.76 -0.16
CA ALA A 61 2.37 -4.95 -1.33
C ALA A 61 3.74 -5.46 -1.84
N ILE A 62 4.66 -5.82 -0.93
CA ILE A 62 5.97 -6.32 -1.38
C ILE A 62 5.81 -7.68 -2.03
N LEU A 63 4.97 -8.58 -1.45
CA LEU A 63 4.76 -9.91 -2.11
C LEU A 63 4.20 -9.68 -3.50
N HIS A 64 3.24 -8.78 -3.61
N HIS A 64 3.23 -8.78 -3.62
CA HIS A 64 2.61 -8.50 -4.89
CA HIS A 64 2.60 -8.49 -4.91
C HIS A 64 3.63 -7.92 -5.89
C HIS A 64 3.62 -7.92 -5.90
N GLU A 65 4.44 -6.97 -5.50
CA GLU A 65 5.43 -6.40 -6.44
C GLU A 65 6.39 -7.54 -6.85
N LEU A 66 6.81 -8.40 -5.93
CA LEU A 66 7.76 -9.44 -6.32
C LEU A 66 7.06 -10.43 -7.25
N MET A 67 5.75 -10.71 -7.12
CA MET A 67 5.03 -11.58 -8.09
C MET A 67 5.02 -10.92 -9.46
N CYS A 68 4.86 -9.60 -9.54
CA CYS A 68 4.91 -8.92 -10.85
C CYS A 68 6.32 -9.05 -11.48
N LEU A 69 7.35 -9.15 -10.64
CA LEU A 69 8.74 -9.30 -11.09
C LEU A 69 9.11 -10.77 -11.29
N GLY A 70 8.13 -11.68 -11.30
CA GLY A 70 8.43 -13.12 -11.51
C GLY A 70 9.02 -13.80 -10.32
N GLY A 71 8.78 -13.26 -9.12
CA GLY A 71 9.19 -13.91 -7.88
C GLY A 71 10.63 -13.70 -7.48
N GLU A 72 11.40 -12.94 -8.30
CA GLU A 72 12.78 -12.78 -7.97
C GLU A 72 13.21 -11.40 -8.46
N SER A 73 14.00 -10.70 -7.66
CA SER A 73 14.49 -9.39 -8.08
C SER A 73 15.70 -9.00 -7.23
N THR A 74 15.95 -7.72 -7.15
CA THR A 74 17.00 -7.16 -6.32
C THR A 74 16.36 -6.07 -5.47
N PRO A 75 16.99 -5.72 -4.37
CA PRO A 75 16.44 -4.64 -3.53
C PRO A 75 16.29 -3.36 -4.35
N HIS A 76 17.25 -2.97 -5.22
CA HIS A 76 17.12 -1.68 -5.91
C HIS A 76 16.04 -1.70 -6.93
N THR A 77 15.80 -2.85 -7.58
CA THR A 77 14.67 -2.88 -8.55
C THR A 77 13.31 -2.86 -7.85
N LEU A 78 13.19 -3.63 -6.75
CA LEU A 78 11.98 -3.61 -5.96
C LEU A 78 11.70 -2.19 -5.48
N ALA A 79 12.71 -1.47 -4.96
CA ALA A 79 12.50 -0.14 -4.43
C ALA A 79 12.02 0.80 -5.53
N ARG A 80 12.55 0.69 -6.76
CA ARG A 80 12.16 1.58 -7.85
C ARG A 80 10.65 1.38 -8.20
N ARG A 81 10.14 0.16 -8.04
CA ARG A 81 8.84 -0.18 -8.49
C ARG A 81 7.75 0.22 -7.47
N ILE A 82 8.11 0.41 -6.23
CA ILE A 82 7.12 0.55 -5.13
C ILE A 82 7.23 1.99 -4.51
N VAL A 83 6.16 2.51 -3.95
CA VAL A 83 6.21 3.91 -3.51
C VAL A 83 7.01 4.14 -2.24
N PHE A 84 7.18 3.10 -1.43
CA PHE A 84 7.70 3.22 -0.09
C PHE A 84 9.17 3.65 -0.08
N GLU A 85 9.61 4.22 1.05
CA GLU A 85 11.06 4.56 1.16
C GLU A 85 11.93 3.35 1.17
N PRO A 86 13.14 3.47 0.62
CA PRO A 86 14.05 2.28 0.63
C PRO A 86 14.30 1.72 2.00
N HIS A 87 14.50 2.55 3.02
CA HIS A 87 14.79 1.95 4.33
C HIS A 87 13.60 1.14 4.77
N SER A 88 12.39 1.61 4.45
CA SER A 88 11.19 0.89 4.86
CA SER A 88 11.21 0.90 4.87
C SER A 88 11.05 -0.43 4.12
N VAL A 89 11.32 -0.41 2.84
CA VAL A 89 11.26 -1.66 2.05
C VAL A 89 12.33 -2.63 2.62
N SER A 90 13.55 -2.15 2.94
CA SER A 90 14.58 -3.10 3.47
CA SER A 90 14.55 -3.05 3.48
C SER A 90 14.11 -3.68 4.79
N ALA A 91 13.51 -2.88 5.67
CA ALA A 91 13.10 -3.40 6.95
C ALA A 91 12.03 -4.48 6.77
N ILE A 92 11.08 -4.20 5.86
CA ILE A 92 9.99 -5.20 5.65
C ILE A 92 10.54 -6.47 5.01
N VAL A 93 11.42 -6.29 4.01
CA VAL A 93 12.05 -7.48 3.43
C VAL A 93 12.81 -8.31 4.46
N SER A 94 13.53 -7.66 5.37
CA SER A 94 14.26 -8.39 6.39
CA SER A 94 14.24 -8.40 6.42
C SER A 94 13.32 -9.19 7.32
N ARG A 95 12.17 -8.60 7.66
CA ARG A 95 11.14 -9.30 8.48
C ARG A 95 10.56 -10.48 7.70
N MET A 96 10.30 -10.26 6.41
N MET A 96 10.25 -10.27 6.43
CA MET A 96 9.77 -11.31 5.54
CA MET A 96 9.79 -11.34 5.57
C MET A 96 10.81 -12.43 5.39
C MET A 96 10.81 -12.45 5.49
N GLU A 97 12.10 -12.10 5.42
CA GLU A 97 13.14 -13.11 5.34
C GLU A 97 13.10 -13.99 6.65
N LYS A 98 12.96 -13.36 7.82
CA LYS A 98 12.90 -14.10 9.09
C LYS A 98 11.70 -15.09 9.16
N ASP A 99 10.66 -14.63 8.43
CA ASP A 99 9.44 -15.43 8.34
C ASP A 99 9.38 -16.44 7.27
N GLY A 100 10.46 -16.55 6.53
CA GLY A 100 10.58 -17.63 5.51
C GLY A 100 9.84 -17.29 4.23
N LEU A 101 9.46 -16.01 4.01
CA LEU A 101 8.77 -15.57 2.81
CA LEU A 101 8.78 -15.59 2.80
C LEU A 101 9.78 -15.17 1.72
N ILE A 102 10.93 -14.59 2.08
CA ILE A 102 11.94 -14.17 1.11
C ILE A 102 13.23 -14.95 1.42
N ILE A 103 13.88 -15.36 0.38
CA ILE A 103 15.22 -15.95 0.45
C ILE A 103 16.23 -14.95 -0.16
N LYS A 104 17.24 -14.58 0.60
CA LYS A 104 18.27 -13.67 0.09
C LYS A 104 19.46 -14.49 -0.30
N THR A 105 20.03 -14.25 -1.46
CA THR A 105 21.30 -14.94 -1.79
C THR A 105 22.29 -13.95 -2.39
N LYS A 106 23.54 -14.15 -2.14
CA LYS A 106 24.56 -13.31 -2.74
C LYS A 106 24.53 -13.54 -4.22
N ASP A 107 24.61 -12.45 -4.99
CA ASP A 107 24.84 -12.59 -6.39
C ASP A 107 26.20 -13.28 -6.65
N LEU A 108 26.31 -14.24 -7.59
CA LEU A 108 27.59 -14.99 -7.77
C LEU A 108 28.63 -14.33 -8.70
N LYS A 110 28.42 -10.11 -8.88
CA LYS A 110 28.62 -8.84 -8.26
C LYS A 110 28.79 -8.95 -6.73
N LYS A 111 30.02 -8.70 -6.23
CA LYS A 111 30.27 -8.70 -4.80
C LYS A 111 29.34 -7.66 -4.21
N HIS A 112 28.79 -7.98 -3.10
CA HIS A 112 27.88 -7.12 -2.29
C HIS A 112 26.44 -7.03 -2.87
N MET A 113 26.09 -7.55 -4.08
CA MET A 113 24.67 -7.46 -4.49
C MET A 113 23.96 -8.65 -3.95
N VAL A 114 22.71 -8.45 -3.61
CA VAL A 114 21.86 -9.47 -3.04
C VAL A 114 20.71 -9.68 -4.05
N ARG A 115 20.34 -10.93 -4.24
CA ARG A 115 19.14 -11.25 -4.95
C ARG A 115 18.10 -11.65 -3.95
N ILE A 116 16.85 -11.25 -4.20
CA ILE A 116 15.72 -11.61 -3.31
C ILE A 116 14.72 -12.44 -4.07
N LYS A 117 14.30 -13.55 -3.47
CA LYS A 117 13.38 -14.45 -4.19
C LYS A 117 12.26 -14.84 -3.24
N LEU A 118 11.05 -14.92 -3.74
CA LEU A 118 9.97 -15.46 -2.94
C LEU A 118 10.12 -16.95 -2.74
N SER A 119 9.83 -17.44 -1.55
CA SER A 119 9.80 -18.88 -1.32
C SER A 119 8.49 -19.45 -1.86
N GLU A 120 8.46 -20.77 -2.04
N GLU A 120 8.46 -20.78 -1.96
CA GLU A 120 7.19 -21.32 -2.47
CA GLU A 120 7.23 -21.46 -2.32
C GLU A 120 6.09 -21.11 -1.39
C GLU A 120 6.12 -21.10 -1.36
N LYS A 121 6.44 -21.11 -0.06
CA LYS A 121 5.46 -20.74 0.97
C LYS A 121 4.89 -19.34 0.70
N ALA A 122 5.77 -18.38 0.33
CA ALA A 122 5.27 -17.01 0.10
C ALA A 122 4.34 -16.99 -1.09
N ILE A 123 4.68 -17.73 -2.15
CA ILE A 123 3.80 -17.71 -3.35
C ILE A 123 2.43 -18.35 -3.02
N ASP A 124 2.46 -19.43 -2.23
CA ASP A 124 1.19 -20.05 -1.84
C ASP A 124 0.42 -19.10 -0.91
N THR A 125 1.12 -18.37 -0.04
CA THR A 125 0.45 -17.39 0.87
C THR A 125 -0.16 -16.27 0.00
N PHE A 126 0.57 -15.81 -1.05
CA PHE A 126 0.03 -14.80 -1.92
C PHE A 126 -1.23 -15.30 -2.66
N TYR A 127 -1.23 -16.57 -3.10
CA TYR A 127 -2.42 -17.19 -3.77
C TYR A 127 -3.63 -16.94 -2.85
N GLN A 128 -3.46 -17.32 -1.59
CA GLN A 128 -4.59 -17.20 -0.65
C GLN A 128 -4.93 -15.76 -0.38
N ALA A 129 -3.91 -14.92 -0.19
CA ALA A 129 -4.13 -13.53 0.23
C ALA A 129 -4.79 -12.71 -0.86
N LEU A 130 -4.39 -12.93 -2.12
CA LEU A 130 -4.93 -12.13 -3.20
C LEU A 130 -6.44 -12.38 -3.33
N GLU A 131 -6.85 -13.66 -3.23
CA GLU A 131 -8.27 -13.99 -3.36
C GLU A 131 -9.08 -13.33 -2.20
N ILE A 132 -8.56 -13.39 -0.98
CA ILE A 132 -9.33 -12.79 0.16
C ILE A 132 -9.32 -11.27 -0.04
N SER A 133 -8.14 -10.71 -0.34
CA SER A 133 -8.02 -9.27 -0.47
C SER A 133 -8.96 -8.72 -1.53
N ASN A 134 -9.08 -9.40 -2.70
CA ASN A 134 -9.99 -8.89 -3.72
C ASN A 134 -11.44 -8.87 -3.18
N ARG A 135 -11.83 -9.91 -2.44
CA ARG A 135 -13.20 -9.93 -1.88
C ARG A 135 -13.38 -8.81 -0.87
N VAL A 136 -12.34 -8.58 -0.04
CA VAL A 136 -12.41 -7.47 1.00
C VAL A 136 -12.59 -6.13 0.31
N TYR A 137 -11.74 -5.77 -0.66
CA TYR A 137 -11.84 -4.42 -1.26
C TYR A 137 -13.14 -4.28 -2.01
N LYS A 138 -13.57 -5.38 -2.67
N LYS A 138 -13.64 -5.35 -2.65
CA LYS A 138 -14.86 -5.29 -3.39
CA LYS A 138 -14.93 -5.24 -3.38
C LYS A 138 -16.01 -5.00 -2.40
C LYS A 138 -16.07 -4.96 -2.39
N GLN A 139 -16.07 -5.69 -1.25
CA GLN A 139 -17.19 -5.46 -0.38
C GLN A 139 -17.07 -4.06 0.28
N MET A 140 -15.84 -3.62 0.59
CA MET A 140 -15.66 -2.28 1.17
C MET A 140 -16.13 -1.13 0.26
N MET A 141 -15.96 -1.32 -1.06
CA MET A 141 -16.19 -0.23 -1.97
C MET A 141 -17.51 -0.40 -2.70
N ALA A 142 -18.39 -1.25 -2.18
CA ALA A 142 -19.64 -1.59 -2.92
C ALA A 142 -20.62 -0.41 -2.91
N SER A 143 -20.41 0.55 -1.99
CA SER A 143 -21.37 1.65 -1.82
C SER A 143 -21.06 2.85 -2.82
N ILE A 144 -20.00 2.72 -3.62
CA ILE A 144 -19.70 3.70 -4.70
C ILE A 144 -19.88 2.99 -6.01
N THR A 145 -20.42 3.72 -7.01
CA THR A 145 -20.69 3.15 -8.29
C THR A 145 -19.45 2.93 -9.16
N ARG A 146 -19.58 2.16 -10.26
CA ARG A 146 -18.48 1.96 -11.16
C ARG A 146 -17.96 3.31 -11.63
N GLU A 147 -18.88 4.23 -11.96
CA GLU A 147 -18.48 5.55 -12.48
C GLU A 147 -17.73 6.30 -11.42
N GLU A 148 -18.20 6.26 -10.20
CA GLU A 148 -17.50 7.01 -9.11
C GLU A 148 -16.11 6.39 -8.87
N LYS A 149 -15.97 5.06 -8.97
CA LYS A 149 -14.67 4.37 -8.81
C LYS A 149 -13.72 4.81 -9.91
N VAL A 150 -14.19 4.82 -11.15
CA VAL A 150 -13.32 5.16 -12.29
C VAL A 150 -12.82 6.62 -12.12
N GLU A 151 -13.73 7.53 -11.75
CA GLU A 151 -13.37 8.96 -11.55
CA GLU A 151 -13.33 8.90 -11.59
C GLU A 151 -12.41 9.07 -10.38
N LEU A 152 -12.67 8.35 -9.29
CA LEU A 152 -11.76 8.42 -8.08
C LEU A 152 -10.37 8.00 -8.53
N SER A 153 -10.23 6.89 -9.29
CA SER A 153 -8.88 6.49 -9.70
C SER A 153 -8.23 7.56 -10.57
N LYS A 154 -9.02 8.17 -11.49
CA LYS A 154 -8.46 9.21 -12.37
C LYS A 154 -7.98 10.40 -11.55
N THR A 155 -8.79 10.87 -10.59
CA THR A 155 -8.39 12.06 -9.84
C THR A 155 -7.18 11.72 -8.92
N LEU A 156 -7.22 10.56 -8.22
CA LEU A 156 -6.06 10.18 -7.42
C LEU A 156 -4.80 10.05 -8.26
N THR A 157 -4.91 9.50 -9.47
CA THR A 157 -3.73 9.37 -10.33
C THR A 157 -3.18 10.72 -10.70
N LYS A 158 -4.06 11.71 -11.00
CA LYS A 158 -3.56 13.10 -11.28
C LYS A 158 -2.82 13.63 -10.05
N LEU A 159 -3.35 13.44 -8.83
CA LEU A 159 -2.66 13.91 -7.65
C LEU A 159 -1.35 13.18 -7.48
N ARG A 160 -1.34 11.88 -7.70
CA ARG A 160 -0.04 11.16 -7.54
C ARG A 160 0.99 11.70 -8.53
N ASN A 161 0.55 11.90 -9.79
CA ASN A 161 1.51 12.28 -10.82
C ASN A 161 2.04 13.69 -10.56
N HIS A 162 1.25 14.55 -9.91
CA HIS A 162 1.73 15.91 -9.69
C HIS A 162 2.60 15.95 -8.44
N THR A 163 2.38 15.10 -7.46
CA THR A 163 3.03 15.22 -6.16
C THR A 163 4.23 14.29 -6.04
N LEU A 164 4.24 13.13 -6.70
CA LEU A 164 5.38 12.22 -6.54
C LEU A 164 6.70 12.92 -6.95
N PRO A 165 6.75 13.66 -8.06
CA PRO A 165 8.05 14.32 -8.46
C PRO A 165 8.47 15.46 -7.57
N LEU A 166 7.63 15.92 -6.64
CA LEU A 166 8.12 16.95 -5.69
C LEU A 166 9.22 16.41 -4.77
N THR A 167 9.25 15.10 -4.55
CA THR A 167 10.31 14.54 -3.73
C THR A 167 10.98 13.30 -4.35
N HIS A 168 10.45 12.70 -5.42
CA HIS A 168 11.05 11.52 -6.01
C HIS A 168 11.51 11.91 -7.36
N LYS A 169 12.80 12.18 -7.51
N LYS A 169 12.79 12.21 -7.51
CA LYS A 169 13.33 12.70 -8.80
CA LYS A 169 13.28 12.75 -8.80
C LYS A 169 14.02 11.59 -9.56
C LYS A 169 13.99 11.62 -9.54
N HIS A 170 13.23 10.92 -10.36
CA HIS A 170 13.68 9.79 -11.22
C HIS A 170 14.07 8.58 -10.41
N THR A 171 13.72 8.53 -9.13
CA THR A 171 14.03 7.40 -8.24
C THR A 171 12.98 6.30 -8.37
N LYS A 172 11.78 6.61 -8.85
CA LYS A 172 10.71 5.61 -8.95
C LYS A 172 10.27 5.44 -10.38
N THR A 173 9.93 4.21 -10.71
CA THR A 173 9.26 3.85 -11.99
C THR A 173 8.17 2.92 -11.57
N LEU A 174 7.10 3.48 -10.98
CA LEU A 174 6.12 2.70 -10.25
C LEU A 174 5.44 1.70 -11.18
N THR A 175 5.15 0.51 -10.70
CA THR A 175 4.51 -0.55 -11.52
C THR A 175 3.27 0.02 -12.21
N PRO A 176 3.13 -0.15 -13.52
CA PRO A 176 1.98 0.51 -14.21
C PRO A 176 0.77 -0.42 -14.14
N PHE A 177 0.17 -0.57 -12.97
CA PHE A 177 -0.99 -1.41 -12.81
C PHE A 177 -2.14 -0.94 -13.67
N LYS A 178 -2.87 -1.91 -14.20
CA LYS A 178 -4.03 -1.69 -15.04
C LYS A 178 -5.28 -2.28 -14.34
N TYR A 179 -6.47 -1.96 -14.82
CA TYR A 179 -7.72 -2.64 -14.44
C TYR A 179 -8.50 -2.88 -15.82
N ILE A 180 -9.57 -3.60 -15.80
CA ILE A 180 -10.45 -3.77 -17.01
C ILE A 180 -11.88 -3.25 -16.84
#